data_6H5F
#
_entry.id   6H5F
#
_cell.length_a   66.822
_cell.length_b   72.256
_cell.length_c   122.313
_cell.angle_alpha   90.00
_cell.angle_beta   90.00
_cell.angle_gamma   90.00
#
_symmetry.space_group_name_H-M   'P 21 21 21'
#
loop_
_entity.id
_entity.type
_entity.pdbx_description
1 polymer 'Putative soluble lytic murein transglycosylase'
2 water water
#
_entity_poly.entity_id   1
_entity_poly.type   'polypeptide(L)'
_entity_poly.pdbx_seq_one_letter_code
;MYLPSMKHSLPLLAALVLAACSSTNTLPAGKTPADNIETADLSASVPTRPAEPERKTLADYGGYPSALDAVKQKNDAAVA
AYLENAGDSAMAENVRNEWLKSLGARRQWTLFAQEYAKLEPAGRAQEVECYADSSRNDYTRAAELVKNTGKLPSGCTKLL
EQAAASGLLDGNDAWRRVRGLLAGRQTTDARNLAAALGSPFDGGTQGSREYALLNVIGKEARKSPNAAALLSEMESGLSL
EQRSFAWGVLGHYQSQNLNVPAALDYYGKVADRRQLTDDQIEWYARAALRARRWDELASVISHMPEKLQKSPTWLYWLAR
SRAATGNTQEAEKLYKQAAATGRNFYAVLAGEELGRKIDTRNNVPDAGKNSVRRMAEDGAVKRALVLFQNSQSAGDAKMR
RQAQAEWRFATRGFDEDKLLTAAQTAFDHGFYDMAVNSAERTDRKLNYTLRYISPFKDTVIRHAQNVNVDPAWVYGLIRQ
ESRFVIGAQSRVGAQGLMQVMPATAREIAGKIGMDAAQLYTADGNIRMGTWYMADTKRRLQNNEVLATAGYNAGPGRARR
WQADTPLEGAVYAETIPFSETRDYVKKVMANAAYYAALFGAPHIPLKQRMGIVPAR
;
_entity_poly.pdbx_strand_id   A
#
# COMPACT_ATOMS: atom_id res chain seq x y z
N ASP A 41 7.45 7.70 -29.71
CA ASP A 41 6.54 6.85 -30.48
C ASP A 41 6.19 5.54 -29.75
N LEU A 42 5.09 4.92 -30.19
CA LEU A 42 4.62 3.66 -29.60
C LEU A 42 4.74 2.52 -30.59
N SER A 43 5.19 1.37 -30.08
CA SER A 43 5.26 0.16 -30.88
C SER A 43 3.89 -0.51 -30.99
N ALA A 44 3.63 -1.10 -32.15
CA ALA A 44 2.35 -1.75 -32.40
C ALA A 44 2.38 -3.22 -32.01
N SER A 45 3.52 -3.67 -31.48
CA SER A 45 3.67 -5.07 -31.10
C SER A 45 2.72 -5.42 -29.97
N VAL A 46 2.03 -6.54 -30.13
CA VAL A 46 1.13 -7.03 -29.09
C VAL A 46 1.36 -8.52 -28.90
N PRO A 47 1.07 -9.04 -27.70
CA PRO A 47 1.24 -10.48 -27.60
C PRO A 47 0.19 -11.21 -28.43
N THR A 48 0.41 -12.51 -28.60
CA THR A 48 -0.45 -13.34 -29.43
C THR A 48 -0.61 -14.71 -28.80
N ARG A 49 -0.76 -14.73 -27.47
CA ARG A 49 -1.00 -15.97 -26.75
C ARG A 49 -2.29 -16.62 -27.25
N PRO A 50 -2.35 -17.96 -27.19
CA PRO A 50 -3.52 -18.74 -27.64
C PRO A 50 -4.82 -18.33 -26.95
N ALA A 51 -5.83 -18.00 -27.76
CA ALA A 51 -7.12 -17.54 -27.27
C ALA A 51 -8.15 -18.66 -27.23
N GLU A 52 -8.87 -18.74 -26.12
CA GLU A 52 -9.91 -19.75 -25.94
C GLU A 52 -11.27 -19.15 -26.29
N PRO A 53 -12.27 -20.03 -26.52
CA PRO A 53 -13.65 -19.57 -26.68
C PRO A 53 -14.20 -18.90 -25.43
N GLU A 54 -15.11 -17.94 -25.61
CA GLU A 54 -15.80 -17.29 -24.50
C GLU A 54 -16.46 -18.32 -23.58
N ARG A 55 -17.01 -19.37 -24.20
CA ARG A 55 -17.70 -20.41 -23.46
C ARG A 55 -16.76 -21.16 -22.52
N LYS A 56 -15.51 -21.34 -22.96
CA LYS A 56 -14.52 -22.03 -22.11
C LYS A 56 -14.12 -21.13 -20.94
N THR A 57 -13.86 -19.85 -21.24
CA THR A 57 -13.54 -18.86 -20.21
C THR A 57 -14.60 -18.87 -19.12
N LEU A 58 -15.87 -18.86 -19.53
CA LEU A 58 -16.99 -18.83 -18.61
C LEU A 58 -17.21 -20.18 -17.93
N ALA A 59 -17.01 -21.27 -18.66
CA ALA A 59 -17.14 -22.60 -18.06
C ALA A 59 -16.11 -22.76 -16.95
N ASP A 60 -14.90 -22.27 -17.17
CA ASP A 60 -13.83 -22.41 -16.18
C ASP A 60 -14.04 -21.49 -14.98
N TYR A 61 -14.59 -20.30 -15.21
CA TYR A 61 -14.93 -19.47 -14.07
C TYR A 61 -16.05 -20.12 -13.24
N GLY A 62 -16.96 -20.81 -13.93
CA GLY A 62 -18.04 -21.51 -13.26
C GLY A 62 -17.57 -22.43 -12.14
N GLY A 63 -16.42 -23.06 -12.35
CA GLY A 63 -15.84 -23.92 -11.36
C GLY A 63 -14.79 -23.26 -10.46
N TYR A 64 -14.47 -21.99 -10.72
CA TYR A 64 -13.40 -21.32 -9.96
C TYR A 64 -13.70 -21.26 -8.46
N PRO A 65 -14.86 -20.71 -8.04
CA PRO A 65 -15.09 -20.68 -6.59
C PRO A 65 -15.09 -22.06 -5.90
N SER A 66 -15.58 -23.09 -6.59
CA SER A 66 -15.59 -24.45 -6.04
C SER A 66 -14.17 -24.99 -5.86
N ALA A 67 -13.32 -24.66 -6.83
CA ALA A 67 -11.93 -25.08 -6.80
C ALA A 67 -11.25 -24.50 -5.55
N LEU A 68 -11.54 -23.24 -5.26
CA LEU A 68 -11.00 -22.58 -4.07
C LEU A 68 -11.56 -23.21 -2.82
N ASP A 69 -12.83 -23.62 -2.88
CA ASP A 69 -13.45 -24.31 -1.76
C ASP A 69 -12.80 -25.67 -1.53
N ALA A 70 -12.55 -26.38 -2.63
CA ALA A 70 -11.87 -27.67 -2.57
C ALA A 70 -10.49 -27.54 -1.95
N VAL A 71 -9.76 -26.48 -2.31
CA VAL A 71 -8.48 -26.19 -1.66
C VAL A 71 -8.68 -26.08 -0.16
N LYS A 72 -9.72 -25.36 0.23
CA LYS A 72 -10.02 -25.14 1.65
C LYS A 72 -10.47 -26.43 2.32
N GLN A 73 -11.07 -27.34 1.54
CA GLN A 73 -11.61 -28.60 2.05
C GLN A 73 -10.54 -29.69 2.14
N LYS A 74 -9.42 -29.46 1.46
CA LYS A 74 -8.33 -30.42 1.31
C LYS A 74 -8.74 -31.55 0.35
N ASN A 75 -9.57 -31.19 -0.62
CA ASN A 75 -9.97 -32.10 -1.67
C ASN A 75 -9.00 -31.98 -2.85
N ASP A 76 -7.89 -32.68 -2.74
CA ASP A 76 -6.81 -32.57 -3.71
C ASP A 76 -7.26 -33.06 -5.08
N ALA A 77 -8.11 -34.09 -5.07
CA ALA A 77 -8.66 -34.63 -6.31
C ALA A 77 -9.41 -33.55 -7.08
N ALA A 78 -10.34 -32.89 -6.40
CA ALA A 78 -11.14 -31.82 -7.01
C ALA A 78 -10.27 -30.74 -7.62
N VAL A 79 -9.24 -30.34 -6.89
CA VAL A 79 -8.35 -29.28 -7.31
C VAL A 79 -7.56 -29.69 -8.55
N ALA A 80 -6.91 -30.85 -8.45
CA ALA A 80 -6.12 -31.38 -9.56
C ALA A 80 -6.99 -31.46 -10.81
N ALA A 81 -8.24 -31.82 -10.59
CA ALA A 81 -9.19 -31.96 -11.68
C ALA A 81 -9.48 -30.62 -12.35
N TYR A 82 -9.72 -29.60 -11.53
CA TYR A 82 -9.97 -28.26 -12.05
C TYR A 82 -8.78 -27.75 -12.86
N LEU A 83 -7.58 -28.07 -12.37
CA LEU A 83 -6.37 -27.52 -12.96
C LEU A 83 -5.92 -28.27 -14.22
N GLU A 84 -6.06 -29.60 -14.23
CA GLU A 84 -5.54 -30.43 -15.33
C GLU A 84 -5.94 -29.93 -16.73
N ASN A 85 -7.18 -29.50 -16.88
CA ASN A 85 -7.59 -28.88 -18.14
C ASN A 85 -8.09 -27.46 -17.97
N ALA A 86 -7.26 -26.64 -17.36
CA ALA A 86 -7.55 -25.23 -17.16
C ALA A 86 -6.76 -24.41 -18.17
N GLY A 87 -7.29 -23.27 -18.58
CA GLY A 87 -6.53 -22.35 -19.39
C GLY A 87 -5.30 -21.88 -18.61
N ASP A 88 -4.32 -21.32 -19.31
CA ASP A 88 -3.17 -20.72 -18.65
C ASP A 88 -3.57 -19.30 -18.23
N SER A 89 -4.23 -19.24 -17.07
CA SER A 89 -4.96 -18.04 -16.63
C SER A 89 -4.58 -17.62 -15.22
N ALA A 90 -5.11 -16.48 -14.80
CA ALA A 90 -5.00 -16.07 -13.40
C ALA A 90 -5.84 -17.01 -12.54
N MET A 91 -6.93 -17.51 -13.11
CA MET A 91 -7.79 -18.49 -12.43
C MET A 91 -6.99 -19.71 -12.01
N ALA A 92 -6.23 -20.27 -12.95
CA ALA A 92 -5.40 -21.44 -12.64
C ALA A 92 -4.29 -21.08 -11.67
N GLU A 93 -3.63 -19.96 -11.93
CA GLU A 93 -2.51 -19.52 -11.10
C GLU A 93 -2.94 -19.30 -9.64
N ASN A 94 -4.07 -18.63 -9.41
CA ASN A 94 -4.59 -18.42 -8.05
C ASN A 94 -4.90 -19.73 -7.34
N VAL A 95 -5.57 -20.63 -8.05
CA VAL A 95 -5.93 -21.91 -7.47
C VAL A 95 -4.67 -22.67 -7.10
N ARG A 96 -3.74 -22.71 -8.04
CA ARG A 96 -2.46 -23.38 -7.82
C ARG A 96 -1.71 -22.75 -6.62
N ASN A 97 -1.66 -21.42 -6.53
CA ASN A 97 -1.01 -20.80 -5.36
C ASN A 97 -1.67 -21.15 -4.01
N GLU A 98 -2.99 -21.03 -3.94
CA GLU A 98 -3.68 -21.36 -2.69
C GLU A 98 -3.53 -22.84 -2.36
N TRP A 99 -3.54 -23.68 -3.41
CA TRP A 99 -3.33 -25.11 -3.23
C TRP A 99 -1.94 -25.36 -2.67
N LEU A 100 -0.95 -24.67 -3.20
CA LEU A 100 0.42 -24.89 -2.73
C LEU A 100 0.64 -24.44 -1.28
N LYS A 101 -0.05 -23.37 -0.86
CA LYS A 101 0.01 -22.94 0.54
C LYS A 101 -0.54 -24.04 1.44
N SER A 102 -1.62 -24.67 0.99
CA SER A 102 -2.26 -25.76 1.69
C SER A 102 -1.35 -26.99 1.73
N LEU A 103 -0.80 -27.33 0.57
CA LEU A 103 0.07 -28.50 0.45
C LEU A 103 1.32 -28.35 1.29
N GLY A 104 1.87 -27.13 1.31
CA GLY A 104 3.07 -26.86 2.07
C GLY A 104 2.81 -27.02 3.56
N ALA A 105 1.67 -26.49 4.03
CA ALA A 105 1.34 -26.59 5.43
C ALA A 105 1.19 -28.05 5.87
N ARG A 106 0.60 -28.86 5.00
CA ARG A 106 0.34 -30.27 5.27
C ARG A 106 1.54 -31.18 5.00
N ARG A 107 2.63 -30.58 4.53
CA ARG A 107 3.87 -31.29 4.23
C ARG A 107 3.71 -32.37 3.15
N GLN A 108 2.79 -32.15 2.22
CA GLN A 108 2.64 -33.01 1.05
C GLN A 108 3.65 -32.64 -0.04
N TRP A 109 4.93 -32.91 0.23
CA TRP A 109 6.02 -32.33 -0.56
C TRP A 109 6.14 -32.85 -1.99
N THR A 110 5.73 -34.09 -2.23
CA THR A 110 5.75 -34.64 -3.57
C THR A 110 4.80 -33.90 -4.51
N LEU A 111 3.53 -33.81 -4.11
CA LEU A 111 2.57 -33.05 -4.88
C LEU A 111 3.00 -31.59 -4.96
N PHE A 112 3.51 -31.05 -3.85
CA PHE A 112 3.98 -29.67 -3.81
C PHE A 112 5.00 -29.41 -4.92
N ALA A 113 6.07 -30.21 -4.91
CA ALA A 113 7.16 -30.09 -5.89
C ALA A 113 6.62 -30.13 -7.32
N GLN A 114 5.70 -31.07 -7.58
CA GLN A 114 5.07 -31.19 -8.90
C GLN A 114 4.33 -29.91 -9.30
N GLU A 115 3.52 -29.36 -8.41
CA GLU A 115 2.69 -28.21 -8.80
C GLU A 115 3.45 -26.89 -8.75
N TYR A 116 4.40 -26.77 -7.82
CA TYR A 116 5.26 -25.58 -7.77
C TYR A 116 5.95 -25.39 -9.13
N ALA A 117 6.41 -26.49 -9.70
CA ALA A 117 7.10 -26.46 -10.98
C ALA A 117 6.21 -25.94 -12.11
N LYS A 118 4.90 -25.94 -11.91
CA LYS A 118 3.96 -25.55 -12.94
C LYS A 118 3.61 -24.07 -12.87
N LEU A 119 4.09 -23.40 -11.82
CA LEU A 119 3.85 -21.98 -11.66
C LEU A 119 4.88 -21.16 -12.42
N GLU A 120 4.42 -20.04 -12.96
CA GLU A 120 5.29 -19.00 -13.47
C GLU A 120 5.98 -18.36 -12.28
N PRO A 121 7.31 -18.24 -12.34
CA PRO A 121 8.07 -17.63 -11.24
C PRO A 121 7.53 -16.25 -10.83
N ALA A 122 7.23 -15.40 -11.80
CA ALA A 122 6.68 -14.08 -11.48
C ALA A 122 5.31 -14.19 -10.78
N GLY A 123 4.63 -15.33 -10.96
CA GLY A 123 3.31 -15.49 -10.37
C GLY A 123 3.25 -16.24 -9.06
N ARG A 124 4.39 -16.65 -8.52
CA ARG A 124 4.40 -17.39 -7.25
C ARG A 124 4.10 -16.45 -6.08
N ALA A 125 3.26 -16.92 -5.16
CA ALA A 125 2.94 -16.15 -3.96
C ALA A 125 4.15 -16.18 -3.05
N GLN A 126 4.31 -15.15 -2.23
CA GLN A 126 5.47 -15.09 -1.35
C GLN A 126 5.56 -16.33 -0.48
N GLU A 127 4.44 -16.68 0.16
CA GLU A 127 4.42 -17.80 1.07
C GLU A 127 4.73 -19.12 0.37
N VAL A 128 4.30 -19.27 -0.88
CA VAL A 128 4.58 -20.47 -1.66
C VAL A 128 6.08 -20.57 -1.92
N GLU A 129 6.65 -19.42 -2.24
CA GLU A 129 8.08 -19.27 -2.39
C GLU A 129 8.85 -19.68 -1.12
N CYS A 130 8.35 -19.28 0.04
CA CYS A 130 8.96 -19.65 1.32
C CYS A 130 8.87 -21.14 1.57
N TYR A 131 7.71 -21.74 1.28
CA TYR A 131 7.53 -23.18 1.45
C TYR A 131 8.52 -23.95 0.57
N ALA A 132 8.65 -23.51 -0.67
CA ALA A 132 9.52 -24.15 -1.64
C ALA A 132 10.99 -24.10 -1.23
N ASP A 133 11.45 -22.92 -0.82
CA ASP A 133 12.83 -22.78 -0.32
C ASP A 133 13.08 -23.62 0.92
N SER A 134 12.12 -23.66 1.84
N SER A 134 12.10 -23.66 1.82
CA SER A 134 12.29 -24.46 3.05
CA SER A 134 12.26 -24.43 3.05
C SER A 134 12.40 -25.94 2.71
C SER A 134 12.33 -25.94 2.77
N SER A 135 11.67 -26.37 1.70
CA SER A 135 11.72 -27.78 1.28
C SER A 135 13.06 -28.12 0.65
N ARG A 136 13.74 -27.13 0.08
CA ARG A 136 15.07 -27.36 -0.48
C ARG A 136 16.16 -27.00 0.54
N ASN A 137 15.74 -26.69 1.77
CA ASN A 137 16.63 -26.23 2.85
C ASN A 137 17.50 -25.05 2.42
N ASP A 138 16.92 -24.15 1.62
CA ASP A 138 17.58 -22.96 1.12
C ASP A 138 17.06 -21.72 1.86
N TYR A 139 17.91 -21.09 2.67
CA TYR A 139 17.46 -19.98 3.51
C TYR A 139 17.98 -18.63 3.02
N THR A 140 18.23 -18.54 1.73
CA THR A 140 18.63 -17.29 1.10
C THR A 140 17.68 -16.11 1.39
N ARG A 141 16.37 -16.36 1.32
CA ARG A 141 15.38 -15.30 1.58
C ARG A 141 15.35 -14.82 3.05
N ALA A 142 15.89 -15.63 3.95
CA ALA A 142 15.82 -15.34 5.38
C ALA A 142 16.47 -13.99 5.78
N ALA A 143 17.56 -13.61 5.11
CA ALA A 143 18.29 -12.40 5.50
C ALA A 143 17.40 -11.18 5.36
N GLU A 144 16.57 -11.16 4.32
CA GLU A 144 15.66 -10.05 4.13
C GLU A 144 14.35 -10.23 4.89
N LEU A 145 13.81 -11.45 4.90
CA LEU A 145 12.55 -11.70 5.61
C LEU A 145 12.65 -11.38 7.09
N VAL A 146 13.82 -11.64 7.68
CA VAL A 146 13.96 -11.47 9.12
C VAL A 146 13.91 -10.00 9.52
N LYS A 147 14.17 -9.10 8.58
CA LYS A 147 14.10 -7.67 8.86
C LYS A 147 12.66 -7.19 9.09
N ASN A 148 11.70 -8.02 8.69
CA ASN A 148 10.28 -7.78 8.96
C ASN A 148 9.96 -8.09 10.41
N THR A 149 9.37 -7.15 11.13
CA THR A 149 9.09 -7.36 12.54
C THR A 149 7.61 -7.61 12.81
N GLY A 150 6.84 -7.80 11.74
CA GLY A 150 5.41 -8.05 11.88
C GLY A 150 5.03 -9.47 11.48
N LYS A 151 3.74 -9.76 11.57
CA LYS A 151 3.16 -11.03 11.12
C LYS A 151 3.55 -11.37 9.68
N LEU A 152 4.08 -12.57 9.47
CA LEU A 152 4.32 -13.08 8.11
C LEU A 152 3.40 -14.27 7.84
N PRO A 153 3.13 -14.57 6.56
CA PRO A 153 2.44 -15.83 6.24
C PRO A 153 3.09 -17.02 6.96
N SER A 154 2.34 -18.09 7.19
CA SER A 154 2.86 -19.23 7.94
C SER A 154 4.12 -19.88 7.32
N GLY A 155 4.10 -20.12 6.01
CA GLY A 155 5.28 -20.66 5.34
C GLY A 155 6.53 -19.81 5.55
N CYS A 156 6.35 -18.48 5.54
CA CYS A 156 7.47 -17.56 5.68
C CYS A 156 7.95 -17.52 7.11
N THR A 157 6.99 -17.59 8.04
CA THR A 157 7.30 -17.65 9.45
C THR A 157 8.11 -18.90 9.82
N LYS A 158 7.75 -20.02 9.22
CA LYS A 158 8.45 -21.29 9.50
C LYS A 158 9.83 -21.33 8.87
N LEU A 159 9.99 -20.69 7.71
CA LEU A 159 11.30 -20.62 7.09
C LEU A 159 12.30 -19.92 8.00
N LEU A 160 11.84 -18.86 8.67
CA LEU A 160 12.72 -18.12 9.56
C LEU A 160 13.06 -18.99 10.79
N GLU A 161 12.09 -19.76 11.26
CA GLU A 161 12.35 -20.58 12.43
C GLU A 161 13.40 -21.64 12.11
N GLN A 162 13.28 -22.27 10.95
CA GLN A 162 14.23 -23.28 10.52
C GLN A 162 15.61 -22.68 10.33
N ALA A 163 15.67 -21.49 9.74
CA ALA A 163 16.95 -20.82 9.53
C ALA A 163 17.58 -20.51 10.88
N ALA A 164 16.75 -20.10 11.84
CA ALA A 164 17.23 -19.76 13.18
C ALA A 164 17.91 -20.96 13.83
N ALA A 165 17.22 -22.10 13.80
CA ALA A 165 17.77 -23.35 14.35
C ALA A 165 19.05 -23.80 13.66
N SER A 166 19.25 -23.36 12.41
CA SER A 166 20.44 -23.74 11.66
C SER A 166 21.58 -22.75 11.85
N GLY A 167 21.41 -21.82 12.78
CA GLY A 167 22.42 -20.80 13.02
C GLY A 167 22.64 -19.93 11.80
N LEU A 168 21.62 -19.81 10.94
CA LEU A 168 21.75 -19.02 9.73
C LEU A 168 21.16 -17.60 9.82
N LEU A 169 20.57 -17.25 10.94
CA LEU A 169 20.05 -15.88 11.11
C LEU A 169 21.06 -14.97 11.80
N ASP A 170 21.20 -13.75 11.28
CA ASP A 170 21.91 -12.69 11.98
C ASP A 170 21.26 -12.46 13.35
N GLY A 171 22.05 -12.59 14.42
CA GLY A 171 21.51 -12.56 15.77
C GLY A 171 20.77 -11.28 16.11
N ASN A 172 21.35 -10.15 15.71
CA ASN A 172 20.75 -8.85 15.94
C ASN A 172 19.36 -8.73 15.26
N ASP A 173 19.27 -9.17 14.00
CA ASP A 173 18.02 -9.06 13.26
C ASP A 173 17.01 -10.02 13.87
N ALA A 174 17.49 -11.21 14.21
CA ALA A 174 16.63 -12.25 14.76
C ALA A 174 15.95 -11.80 16.04
N TRP A 175 16.73 -11.26 16.98
CA TRP A 175 16.15 -10.82 18.26
C TRP A 175 15.27 -9.59 18.10
N ARG A 176 15.63 -8.72 17.15
CA ARG A 176 14.80 -7.57 16.82
C ARG A 176 13.43 -8.05 16.33
N ARG A 177 13.39 -9.14 15.57
CA ARG A 177 12.10 -9.66 15.11
C ARG A 177 11.31 -10.23 16.28
N VAL A 178 11.99 -10.91 17.20
CA VAL A 178 11.32 -11.44 18.39
C VAL A 178 10.64 -10.33 19.22
N ARG A 179 11.34 -9.23 19.44
CA ARG A 179 10.76 -8.08 20.15
C ARG A 179 9.55 -7.50 19.39
N GLY A 180 9.73 -7.27 18.09
CA GLY A 180 8.69 -6.71 17.25
C GLY A 180 7.42 -7.54 17.35
N LEU A 181 7.59 -8.86 17.30
CA LEU A 181 6.46 -9.78 17.39
C LEU A 181 5.84 -9.71 18.77
N LEU A 182 6.68 -9.62 19.80
CA LEU A 182 6.18 -9.44 21.16
C LEU A 182 5.39 -8.14 21.29
N ALA A 183 5.93 -7.07 20.73
CA ALA A 183 5.26 -5.78 20.88
C ALA A 183 4.01 -5.71 20.00
N GLY A 184 3.93 -6.60 19.01
CA GLY A 184 2.79 -6.60 18.09
C GLY A 184 1.75 -7.65 18.43
N ARG A 185 1.92 -8.25 19.62
CA ARG A 185 0.99 -9.24 20.16
C ARG A 185 0.95 -10.55 19.38
N GLN A 186 2.04 -10.84 18.67
CA GLN A 186 2.20 -12.10 17.98
C GLN A 186 3.01 -13.02 18.88
N THR A 187 2.45 -13.31 20.05
CA THR A 187 3.24 -13.91 21.12
C THR A 187 3.71 -15.30 20.75
N THR A 188 2.85 -16.04 20.07
CA THR A 188 3.17 -17.40 19.69
C THR A 188 4.35 -17.41 18.71
N ASP A 189 4.33 -16.55 17.71
CA ASP A 189 5.44 -16.49 16.75
C ASP A 189 6.73 -16.04 17.45
N ALA A 190 6.63 -15.11 18.39
CA ALA A 190 7.79 -14.70 19.17
C ALA A 190 8.37 -15.86 19.98
N ARG A 191 7.48 -16.62 20.63
CA ARG A 191 7.87 -17.81 21.38
C ARG A 191 8.68 -18.78 20.55
N ASN A 192 8.11 -19.14 19.41
CA ASN A 192 8.70 -20.16 18.56
C ASN A 192 10.05 -19.74 18.00
N LEU A 193 10.14 -18.47 17.61
CA LEU A 193 11.40 -17.93 17.11
C LEU A 193 12.49 -17.90 18.20
N ALA A 194 12.14 -17.47 19.40
CA ALA A 194 13.08 -17.47 20.52
C ALA A 194 13.54 -18.90 20.86
N ALA A 195 12.60 -19.84 20.84
CA ALA A 195 12.94 -21.24 21.01
C ALA A 195 13.95 -21.67 19.95
N ALA A 196 13.64 -21.39 18.69
CA ALA A 196 14.46 -21.79 17.55
C ALA A 196 15.87 -21.19 17.60
N LEU A 197 15.98 -20.02 18.23
CA LEU A 197 17.27 -19.36 18.37
C LEU A 197 18.13 -19.97 19.49
N GLY A 198 17.52 -20.86 20.27
CA GLY A 198 18.25 -21.56 21.32
C GLY A 198 18.07 -20.99 22.71
N SER A 199 17.20 -20.00 22.84
CA SER A 199 17.00 -19.33 24.12
C SER A 199 15.52 -19.04 24.36
N PRO A 200 14.73 -20.09 24.66
CA PRO A 200 13.27 -19.99 24.81
C PRO A 200 12.81 -19.06 25.93
N PHE A 201 11.51 -18.79 25.98
CA PHE A 201 10.96 -17.80 26.92
C PHE A 201 10.99 -18.29 28.37
N ASP A 202 11.30 -19.56 28.57
CA ASP A 202 11.56 -20.09 29.90
C ASP A 202 12.89 -20.83 29.93
N GLY A 203 13.99 -20.10 29.80
CA GLY A 203 15.31 -20.71 29.72
C GLY A 203 16.34 -20.00 30.56
N GLY A 204 15.95 -18.91 31.20
CA GLY A 204 16.85 -18.18 32.09
C GLY A 204 17.80 -17.24 31.38
N THR A 205 18.03 -17.45 30.09
CA THR A 205 18.87 -16.56 29.30
C THR A 205 18.03 -15.47 28.63
N GLN A 206 18.45 -15.08 27.43
CA GLN A 206 17.86 -13.93 26.73
C GLN A 206 16.35 -14.02 26.57
N GLY A 207 15.88 -15.17 26.12
CA GLY A 207 14.47 -15.38 25.84
C GLY A 207 13.55 -15.04 26.99
N SER A 208 13.92 -15.52 28.18
CA SER A 208 13.13 -15.25 29.38
C SER A 208 13.13 -13.75 29.69
N ARG A 209 14.26 -13.11 29.44
CA ARG A 209 14.42 -11.69 29.68
C ARG A 209 13.60 -10.85 28.67
N GLU A 210 13.66 -11.22 27.40
CA GLU A 210 12.89 -10.55 26.36
C GLU A 210 11.39 -10.66 26.63
N TYR A 211 10.95 -11.86 27.02
CA TYR A 211 9.55 -12.07 27.36
C TYR A 211 9.15 -11.19 28.55
N ALA A 212 10.04 -11.13 29.52
CA ALA A 212 9.84 -10.37 30.76
C ALA A 212 9.51 -8.91 30.49
N LEU A 213 10.15 -8.35 29.45
CA LEU A 213 10.00 -6.94 29.10
C LEU A 213 8.60 -6.53 28.63
N LEU A 214 7.66 -7.47 28.63
CA LEU A 214 6.27 -7.18 28.25
C LEU A 214 5.56 -6.29 29.27
N ASN A 215 6.10 -6.24 30.49
CA ASN A 215 5.59 -5.30 31.48
C ASN A 215 5.79 -3.86 31.02
N VAL A 216 6.73 -3.65 30.11
CA VAL A 216 6.96 -2.34 29.51
C VAL A 216 6.38 -2.21 28.11
N ILE A 217 6.69 -3.18 27.24
CA ILE A 217 6.39 -3.05 25.81
C ILE A 217 5.10 -3.73 25.35
N GLY A 218 4.34 -4.27 26.29
CA GLY A 218 3.04 -4.84 25.97
C GLY A 218 2.09 -3.81 25.36
N LYS A 219 1.11 -4.30 24.59
CA LYS A 219 0.20 -3.44 23.86
C LYS A 219 -0.59 -2.52 24.80
N GLU A 220 -0.86 -3.01 26.01
CA GLU A 220 -1.57 -2.20 26.99
C GLU A 220 -0.61 -1.57 28.00
N ALA A 221 0.45 -2.31 28.34
CA ALA A 221 1.44 -1.81 29.29
C ALA A 221 2.17 -0.56 28.78
N ARG A 222 2.33 -0.45 27.46
CA ARG A 222 3.05 0.67 26.87
C ARG A 222 2.30 1.98 27.07
N LYS A 223 1.01 1.87 27.38
CA LYS A 223 0.13 3.03 27.49
C LYS A 223 0.12 3.57 28.93
N SER A 224 0.72 2.80 29.84
CA SER A 224 0.77 3.19 31.26
C SER A 224 1.65 4.42 31.48
N PRO A 225 1.18 5.35 32.33
CA PRO A 225 1.94 6.56 32.69
C PRO A 225 3.26 6.23 33.37
N ASN A 226 3.33 5.04 33.95
CA ASN A 226 4.54 4.57 34.62
C ASN A 226 5.39 3.62 33.78
N ALA A 227 5.08 3.53 32.49
CA ALA A 227 5.88 2.66 31.64
C ALA A 227 7.32 3.16 31.61
N ALA A 228 7.48 4.47 31.50
CA ALA A 228 8.81 5.07 31.46
C ALA A 228 9.56 4.81 32.76
N ALA A 229 8.89 5.04 33.88
CA ALA A 229 9.47 4.82 35.20
C ALA A 229 9.97 3.39 35.38
N LEU A 230 9.13 2.44 35.00
CA LEU A 230 9.42 1.02 35.15
C LEU A 230 10.59 0.57 34.31
N LEU A 231 10.69 1.13 33.11
CA LEU A 231 11.81 0.82 32.22
C LEU A 231 13.10 1.37 32.83
N SER A 232 13.02 2.61 33.31
CA SER A 232 14.15 3.30 33.92
C SER A 232 14.79 2.54 35.08
N GLU A 233 13.98 1.81 35.84
CA GLU A 233 14.50 1.02 36.94
C GLU A 233 15.34 -0.15 36.44
N MET A 234 14.70 -0.98 35.61
CA MET A 234 15.28 -2.25 35.23
C MET A 234 16.28 -2.09 34.09
N GLU A 235 16.48 -0.85 33.65
CA GLU A 235 17.41 -0.55 32.56
C GLU A 235 18.79 -1.16 32.80
N SER A 236 19.18 -1.23 34.06
CA SER A 236 20.49 -1.73 34.45
C SER A 236 20.71 -3.19 34.02
N GLY A 237 19.67 -4.01 34.13
CA GLY A 237 19.76 -5.41 33.75
C GLY A 237 19.31 -5.66 32.32
N LEU A 238 19.31 -4.60 31.52
CA LEU A 238 18.91 -4.72 30.12
C LEU A 238 20.08 -4.48 29.17
N SER A 239 20.10 -5.23 28.08
CA SER A 239 21.10 -5.00 27.03
C SER A 239 20.85 -3.67 26.33
N LEU A 240 21.89 -3.15 25.67
CA LEU A 240 21.75 -1.97 24.84
C LEU A 240 20.59 -2.12 23.85
N GLU A 241 20.50 -3.29 23.22
CA GLU A 241 19.47 -3.58 22.22
C GLU A 241 18.08 -3.53 22.82
N GLN A 242 17.91 -4.21 23.95
CA GLN A 242 16.62 -4.25 24.64
C GLN A 242 16.16 -2.85 25.08
N ARG A 243 17.09 -2.04 25.58
CA ARG A 243 16.74 -0.68 26.03
C ARG A 243 16.28 0.16 24.86
N SER A 244 17.02 0.07 23.75
CA SER A 244 16.67 0.89 22.60
C SER A 244 15.27 0.52 22.11
N PHE A 245 15.01 -0.76 21.93
CA PHE A 245 13.68 -1.20 21.48
C PHE A 245 12.56 -0.72 22.40
N ALA A 246 12.77 -0.82 23.71
CA ALA A 246 11.72 -0.51 24.70
C ALA A 246 11.38 0.97 24.70
N TRP A 247 12.38 1.84 24.63
CA TRP A 247 12.11 3.26 24.52
C TRP A 247 11.42 3.57 23.20
N GLY A 248 11.73 2.79 22.16
CA GLY A 248 11.07 2.96 20.87
C GLY A 248 9.60 2.66 20.94
N VAL A 249 9.23 1.64 21.70
CA VAL A 249 7.83 1.28 21.89
C VAL A 249 7.07 2.41 22.60
N LEU A 250 7.70 2.99 23.61
CA LEU A 250 7.03 4.03 24.38
C LEU A 250 6.89 5.29 23.53
N GLY A 251 7.95 5.67 22.82
CA GLY A 251 7.89 6.85 21.98
C GLY A 251 6.92 6.65 20.81
N HIS A 252 6.90 5.45 20.26
CA HIS A 252 6.00 5.16 19.14
C HIS A 252 4.55 5.43 19.55
N TYR A 253 4.17 4.92 20.72
CA TYR A 253 2.81 5.09 21.20
C TYR A 253 2.45 6.56 21.41
N GLN A 254 3.34 7.32 22.03
CA GLN A 254 3.10 8.75 22.26
C GLN A 254 3.03 9.50 20.95
N SER A 255 3.90 9.11 20.01
CA SER A 255 3.99 9.82 18.74
C SER A 255 2.72 9.59 17.92
N GLN A 256 2.27 8.35 17.88
CA GLN A 256 1.10 8.03 17.07
C GLN A 256 -0.16 8.62 17.73
N ASN A 257 -0.09 8.91 19.02
CA ASN A 257 -1.16 9.65 19.70
C ASN A 257 -0.99 11.16 19.64
N LEU A 258 0.02 11.60 18.93
CA LEU A 258 0.25 13.01 18.63
C LEU A 258 0.56 13.82 19.90
N ASN A 259 1.12 13.14 20.88
CA ASN A 259 1.70 13.77 22.05
C ASN A 259 3.19 14.00 21.76
N VAL A 260 3.51 15.05 21.01
CA VAL A 260 4.86 15.16 20.45
C VAL A 260 6.00 15.35 21.45
N PRO A 261 5.87 16.29 22.41
CA PRO A 261 6.97 16.43 23.39
C PRO A 261 7.29 15.12 24.10
N ALA A 262 6.27 14.38 24.54
CA ALA A 262 6.54 13.15 25.25
C ALA A 262 7.22 12.13 24.34
N ALA A 263 6.78 12.08 23.09
CA ALA A 263 7.34 11.16 22.11
C ALA A 263 8.84 11.41 21.95
N LEU A 264 9.20 12.68 21.76
CA LEU A 264 10.57 13.04 21.48
C LEU A 264 11.42 12.81 22.70
N ASP A 265 10.84 12.94 23.89
CA ASP A 265 11.56 12.57 25.10
C ASP A 265 11.93 11.09 25.10
N TYR A 266 10.94 10.23 24.87
CA TYR A 266 11.19 8.79 24.94
C TYR A 266 12.12 8.33 23.83
N TYR A 267 11.86 8.78 22.61
CA TYR A 267 12.69 8.45 21.47
C TYR A 267 14.13 8.95 21.70
N GLY A 268 14.25 10.08 22.41
CA GLY A 268 15.54 10.65 22.73
C GLY A 268 16.43 9.71 23.52
N LYS A 269 15.82 8.76 24.22
CA LYS A 269 16.57 7.83 25.05
C LYS A 269 16.99 6.58 24.27
N VAL A 270 16.57 6.47 23.00
CA VAL A 270 17.01 5.35 22.16
C VAL A 270 18.46 5.53 21.76
N ALA A 271 19.32 4.63 22.23
CA ALA A 271 20.76 4.75 21.97
C ALA A 271 21.11 4.20 20.60
N ASP A 272 20.54 3.04 20.25
CA ASP A 272 20.74 2.46 18.92
C ASP A 272 19.44 2.47 18.12
N ARG A 273 19.28 3.49 17.28
CA ARG A 273 18.06 3.68 16.50
C ARG A 273 17.78 2.54 15.52
N ARG A 274 18.81 1.79 15.14
CA ARG A 274 18.61 0.72 14.16
C ARG A 274 17.90 -0.48 14.75
N GLN A 275 17.77 -0.49 16.08
CA GLN A 275 17.00 -1.51 16.79
C GLN A 275 15.49 -1.31 16.62
N LEU A 276 15.10 -0.08 16.29
CA LEU A 276 13.68 0.25 16.12
C LEU A 276 13.04 -0.51 14.96
N THR A 277 11.77 -0.89 15.10
CA THR A 277 11.00 -1.37 13.92
C THR A 277 10.87 -0.22 12.92
N ASP A 278 10.51 -0.54 11.68
CA ASP A 278 10.30 0.51 10.67
C ASP A 278 9.20 1.50 11.10
N ASP A 279 8.10 1.01 11.66
CA ASP A 279 7.04 1.90 12.13
C ASP A 279 7.53 2.79 13.29
N GLN A 280 8.31 2.24 14.21
CA GLN A 280 8.83 3.06 15.31
C GLN A 280 9.70 4.18 14.77
N ILE A 281 10.59 3.87 13.84
CA ILE A 281 11.53 4.92 13.43
C ILE A 281 10.81 5.95 12.55
N GLU A 282 9.86 5.53 11.73
CA GLU A 282 9.11 6.49 10.96
C GLU A 282 8.31 7.41 11.90
N TRP A 283 7.80 6.87 13.00
CA TRP A 283 7.04 7.72 13.90
C TRP A 283 7.95 8.63 14.73
N TYR A 284 9.21 8.25 14.86
CA TYR A 284 10.23 9.12 15.46
C TYR A 284 10.39 10.29 14.52
N ALA A 285 10.60 9.99 13.25
CA ALA A 285 10.73 11.02 12.21
C ALA A 285 9.48 11.92 12.15
N ARG A 286 8.32 11.31 12.31
CA ARG A 286 7.08 12.05 12.21
C ARG A 286 6.95 13.04 13.37
N ALA A 287 7.44 12.65 14.53
CA ALA A 287 7.42 13.51 15.71
C ALA A 287 8.36 14.68 15.48
N ALA A 288 9.56 14.39 14.97
CA ALA A 288 10.52 15.46 14.72
C ALA A 288 9.99 16.42 13.67
N LEU A 289 9.33 15.87 12.65
CA LEU A 289 8.72 16.67 11.61
C LEU A 289 7.67 17.61 12.18
N ARG A 290 6.80 17.07 13.01
CA ARG A 290 5.70 17.87 13.54
C ARG A 290 6.20 18.97 14.49
N ALA A 291 7.34 18.72 15.11
CA ALA A 291 7.95 19.66 16.03
C ALA A 291 8.93 20.59 15.31
N ARG A 292 9.04 20.42 14.00
CA ARG A 292 9.96 21.18 13.14
C ARG A 292 11.42 21.14 13.62
N ARG A 293 11.83 19.99 14.17
CA ARG A 293 13.21 19.81 14.58
C ARG A 293 13.99 19.23 13.40
N TRP A 294 14.45 20.10 12.49
CA TRP A 294 15.05 19.65 11.25
C TRP A 294 16.36 18.86 11.44
N ASP A 295 17.18 19.25 12.40
CA ASP A 295 18.44 18.57 12.64
C ASP A 295 18.20 17.15 13.14
N GLU A 296 17.25 17.00 14.07
CA GLU A 296 16.93 15.69 14.59
C GLU A 296 16.27 14.82 13.52
N LEU A 297 15.41 15.42 12.70
CA LEU A 297 14.74 14.68 11.62
C LEU A 297 15.77 14.07 10.65
N ALA A 298 16.71 14.88 10.19
CA ALA A 298 17.80 14.41 9.34
C ALA A 298 18.59 13.26 9.98
N SER A 299 18.95 13.43 11.25
CA SER A 299 19.67 12.42 12.00
C SER A 299 18.90 11.08 12.04
N VAL A 300 17.62 11.15 12.37
CA VAL A 300 16.76 9.97 12.40
C VAL A 300 16.68 9.26 11.03
N ILE A 301 16.46 10.01 9.96
CA ILE A 301 16.39 9.45 8.62
C ILE A 301 17.69 8.73 8.26
N SER A 302 18.80 9.31 8.71
CA SER A 302 20.10 8.76 8.40
C SER A 302 20.28 7.40 9.08
N HIS A 303 19.47 7.12 10.10
CA HIS A 303 19.52 5.79 10.72
C HIS A 303 18.49 4.79 10.19
N MET A 304 17.67 5.19 9.21
CA MET A 304 16.66 4.29 8.63
C MET A 304 17.32 3.23 7.77
N PRO A 305 16.66 2.05 7.62
CA PRO A 305 17.05 1.14 6.54
C PRO A 305 17.15 1.89 5.22
N GLU A 306 18.08 1.49 4.37
CA GLU A 306 18.27 2.15 3.08
C GLU A 306 16.97 2.21 2.25
N LYS A 307 16.18 1.14 2.28
CA LYS A 307 14.93 1.13 1.52
C LYS A 307 13.92 2.18 2.02
N LEU A 308 13.94 2.50 3.32
CA LEU A 308 13.10 3.58 3.84
C LEU A 308 13.66 4.92 3.45
N GLN A 309 14.98 5.07 3.58
CA GLN A 309 15.65 6.31 3.19
C GLN A 309 15.34 6.70 1.75
N LYS A 310 15.21 5.69 0.89
CA LYS A 310 15.03 5.93 -0.52
C LYS A 310 13.55 6.04 -0.93
N SER A 311 12.63 5.98 0.02
CA SER A 311 11.22 6.20 -0.33
C SER A 311 10.99 7.69 -0.63
N PRO A 312 9.96 8.00 -1.43
CA PRO A 312 9.63 9.38 -1.75
C PRO A 312 9.44 10.25 -0.50
N THR A 313 8.80 9.70 0.53
CA THR A 313 8.56 10.43 1.77
C THR A 313 9.86 10.96 2.40
N TRP A 314 10.83 10.07 2.62
CA TRP A 314 11.98 10.47 3.41
C TRP A 314 13.07 11.06 2.53
N LEU A 315 12.98 10.84 1.22
CA LEU A 315 13.79 11.65 0.30
C LEU A 315 13.36 13.13 0.41
N TYR A 316 12.06 13.37 0.28
CA TYR A 316 11.52 14.74 0.37
C TYR A 316 11.80 15.40 1.72
N TRP A 317 11.47 14.73 2.82
CA TRP A 317 11.57 15.41 4.10
C TRP A 317 13.03 15.58 4.50
N LEU A 318 13.92 14.74 3.99
CA LEU A 318 15.35 14.96 4.25
C LEU A 318 15.81 16.19 3.46
N ALA A 319 15.31 16.32 2.23
CA ALA A 319 15.64 17.50 1.43
C ALA A 319 15.11 18.79 2.08
N ARG A 320 13.89 18.73 2.62
CA ARG A 320 13.34 19.90 3.33
C ARG A 320 14.21 20.25 4.52
N SER A 321 14.67 19.21 5.22
CA SER A 321 15.56 19.36 6.37
C SER A 321 16.86 20.06 5.99
N ARG A 322 17.51 19.55 4.94
CA ARG A 322 18.71 20.19 4.37
C ARG A 322 18.48 21.64 3.98
N ALA A 323 17.37 21.88 3.28
CA ALA A 323 17.02 23.23 2.83
C ALA A 323 16.82 24.15 4.03
N ALA A 324 16.23 23.59 5.08
CA ALA A 324 15.89 24.36 6.25
C ALA A 324 17.11 24.64 7.13
N THR A 325 18.22 23.95 6.86
CA THR A 325 19.43 24.17 7.64
C THR A 325 20.53 24.81 6.81
N GLY A 326 20.22 25.20 5.58
CA GLY A 326 21.14 25.96 4.76
C GLY A 326 22.00 25.14 3.82
N ASN A 327 21.80 23.83 3.83
CA ASN A 327 22.53 22.93 2.95
C ASN A 327 21.81 22.77 1.61
N THR A 328 21.84 23.83 0.81
CA THR A 328 21.00 23.92 -0.38
C THR A 328 21.37 22.90 -1.44
N GLN A 329 22.67 22.76 -1.67
CA GLN A 329 23.15 21.87 -2.73
C GLN A 329 22.78 20.42 -2.42
N GLU A 330 22.90 20.04 -1.16
CA GLU A 330 22.48 18.72 -0.76
C GLU A 330 20.97 18.57 -0.88
N ALA A 331 20.22 19.63 -0.57
CA ALA A 331 18.76 19.61 -0.72
C ALA A 331 18.34 19.37 -2.17
N GLU A 332 18.94 20.16 -3.07
CA GLU A 332 18.61 20.12 -4.48
C GLU A 332 18.81 18.72 -5.04
N LYS A 333 19.85 18.04 -4.56
CA LYS A 333 20.17 16.69 -5.03
C LYS A 333 19.11 15.70 -4.59
N LEU A 334 18.64 15.85 -3.35
CA LEU A 334 17.62 14.99 -2.81
C LEU A 334 16.25 15.24 -3.43
N TYR A 335 15.93 16.50 -3.72
CA TYR A 335 14.68 16.84 -4.40
C TYR A 335 14.66 16.20 -5.78
N LYS A 336 15.82 16.15 -6.41
CA LYS A 336 15.92 15.52 -7.72
C LYS A 336 15.64 14.04 -7.62
N GLN A 337 16.21 13.38 -6.62
CA GLN A 337 15.96 11.98 -6.38
C GLN A 337 14.47 11.74 -6.12
N ALA A 338 13.89 12.56 -5.25
CA ALA A 338 12.49 12.43 -4.92
C ALA A 338 11.60 12.63 -6.17
N ALA A 339 11.89 13.67 -6.95
CA ALA A 339 11.05 13.97 -8.12
C ALA A 339 11.05 12.81 -9.11
N ALA A 340 12.16 12.08 -9.13
CA ALA A 340 12.37 10.98 -10.07
C ALA A 340 11.60 9.70 -9.73
N THR A 341 10.96 9.66 -8.57
CA THR A 341 10.27 8.44 -8.14
C THR A 341 8.93 8.25 -8.87
N GLY A 342 8.48 9.25 -9.63
CA GLY A 342 7.24 9.09 -10.36
C GLY A 342 6.23 10.21 -10.27
N ARG A 343 4.95 9.86 -10.23
CA ARG A 343 3.88 10.86 -10.25
C ARG A 343 3.28 11.11 -8.88
N ASN A 344 3.90 10.58 -7.84
CA ASN A 344 3.32 10.61 -6.51
C ASN A 344 3.39 11.98 -5.77
N PHE A 345 2.65 12.07 -4.67
CA PHE A 345 2.59 13.25 -3.81
C PHE A 345 3.96 13.91 -3.57
N TYR A 346 4.91 13.15 -3.03
CA TYR A 346 6.20 13.75 -2.70
C TYR A 346 7.06 14.07 -3.92
N ALA A 347 6.92 13.29 -4.97
CA ALA A 347 7.60 13.57 -6.24
C ALA A 347 7.17 14.93 -6.81
N VAL A 348 5.89 15.25 -6.65
CA VAL A 348 5.37 16.54 -7.12
C VAL A 348 5.82 17.67 -6.21
N LEU A 349 5.75 17.47 -4.91
CA LEU A 349 6.22 18.49 -3.97
C LEU A 349 7.70 18.79 -4.22
N ALA A 350 8.51 17.74 -4.37
CA ALA A 350 9.94 17.91 -4.61
C ALA A 350 10.19 18.64 -5.94
N GLY A 351 9.34 18.37 -6.93
CA GLY A 351 9.42 19.04 -8.21
C GLY A 351 9.18 20.53 -8.08
N GLU A 352 8.31 20.91 -7.15
CA GLU A 352 7.96 22.30 -6.97
C GLU A 352 9.05 23.06 -6.24
N GLU A 353 9.80 22.37 -5.38
CA GLU A 353 10.94 22.98 -4.72
C GLU A 353 12.08 23.23 -5.72
N LEU A 354 11.99 22.60 -6.89
CA LEU A 354 12.97 22.77 -7.96
C LEU A 354 12.48 23.72 -9.06
N GLY A 355 11.31 24.33 -8.84
CA GLY A 355 10.74 25.23 -9.82
C GLY A 355 10.02 24.53 -10.96
N ARG A 356 9.97 23.20 -10.91
CA ARG A 356 9.28 22.42 -11.94
C ARG A 356 7.82 22.19 -11.58
N LYS A 357 6.91 22.77 -12.34
CA LYS A 357 5.51 22.50 -12.09
C LYS A 357 5.01 21.32 -12.91
N ILE A 358 3.90 20.73 -12.46
CA ILE A 358 3.26 19.63 -13.16
C ILE A 358 2.93 19.98 -14.59
N ASP A 359 3.24 19.06 -15.50
CA ASP A 359 2.91 19.22 -16.91
C ASP A 359 2.23 17.94 -17.39
N THR A 360 0.97 18.05 -17.80
CA THR A 360 0.23 16.84 -18.16
C THR A 360 0.18 16.58 -19.67
N ARG A 361 1.06 17.22 -20.44
CA ARG A 361 1.20 16.88 -21.86
C ARG A 361 1.76 15.46 -21.99
N ASN A 362 1.13 14.63 -22.81
CA ASN A 362 1.66 13.27 -23.04
C ASN A 362 3.03 13.35 -23.72
N ASN A 363 3.95 12.45 -23.36
CA ASN A 363 5.22 12.43 -24.10
C ASN A 363 5.29 11.25 -25.05
N VAL A 364 4.11 10.69 -25.34
CA VAL A 364 3.95 9.60 -26.29
C VAL A 364 2.68 9.84 -27.11
N PRO A 365 2.60 9.25 -28.31
CA PRO A 365 1.36 9.33 -29.08
C PRO A 365 0.30 8.39 -28.52
N ASP A 366 -0.96 8.58 -28.93
CA ASP A 366 -2.04 7.66 -28.63
C ASP A 366 -1.68 6.28 -29.16
N ALA A 367 -2.13 5.23 -28.48
CA ALA A 367 -2.05 3.88 -29.03
C ALA A 367 -2.88 3.80 -30.31
N GLY A 368 -2.33 3.16 -31.33
CA GLY A 368 -3.04 3.03 -32.59
C GLY A 368 -4.21 2.07 -32.52
N LYS A 369 -5.31 2.42 -33.19
CA LYS A 369 -6.54 1.64 -33.14
C LYS A 369 -6.32 0.19 -33.54
N ASN A 370 -5.45 -0.04 -34.52
CA ASN A 370 -5.19 -1.40 -34.91
C ASN A 370 -4.51 -2.19 -33.78
N SER A 371 -3.56 -1.56 -33.10
CA SER A 371 -2.89 -2.19 -31.94
C SER A 371 -3.92 -2.56 -30.88
N VAL A 372 -4.75 -1.59 -30.52
CA VAL A 372 -5.78 -1.76 -29.50
C VAL A 372 -6.71 -2.94 -29.83
N ARG A 373 -7.17 -3.02 -31.08
CA ARG A 373 -8.00 -4.14 -31.51
C ARG A 373 -7.25 -5.47 -31.45
N ARG A 374 -6.00 -5.47 -31.90
CA ARG A 374 -5.17 -6.67 -31.81
C ARG A 374 -4.84 -7.07 -30.36
N MET A 375 -4.55 -6.09 -29.49
CA MET A 375 -4.27 -6.41 -28.07
C MET A 375 -5.41 -7.22 -27.49
N ALA A 376 -6.63 -6.83 -27.84
CA ALA A 376 -7.86 -7.52 -27.41
C ALA A 376 -7.97 -8.97 -27.91
N GLU A 377 -7.23 -9.28 -28.97
CA GLU A 377 -7.28 -10.63 -29.56
C GLU A 377 -6.34 -11.59 -28.83
N ASP A 378 -5.40 -11.04 -28.04
CA ASP A 378 -4.50 -11.88 -27.25
C ASP A 378 -5.32 -12.74 -26.30
N GLY A 379 -4.92 -14.00 -26.15
CA GLY A 379 -5.69 -14.94 -25.34
C GLY A 379 -5.84 -14.56 -23.88
N ALA A 380 -4.79 -14.01 -23.30
CA ALA A 380 -4.81 -13.64 -21.90
C ALA A 380 -5.65 -12.36 -21.70
N VAL A 381 -5.43 -11.37 -22.56
CA VAL A 381 -6.19 -10.13 -22.50
C VAL A 381 -7.68 -10.37 -22.84
N LYS A 382 -7.93 -11.22 -23.83
CA LYS A 382 -9.31 -11.53 -24.25
C LYS A 382 -10.07 -12.19 -23.10
N ARG A 383 -9.41 -13.10 -22.41
CA ARG A 383 -10.03 -13.80 -21.30
C ARG A 383 -10.44 -12.80 -20.20
N ALA A 384 -9.62 -11.77 -20.02
CA ALA A 384 -9.96 -10.72 -19.06
C ALA A 384 -11.16 -9.90 -19.54
N LEU A 385 -11.14 -9.50 -20.81
CA LEU A 385 -12.24 -8.71 -21.37
C LEU A 385 -13.53 -9.52 -21.35
N VAL A 386 -13.42 -10.83 -21.57
CA VAL A 386 -14.57 -11.70 -21.56
C VAL A 386 -15.21 -11.74 -20.17
N LEU A 387 -14.42 -12.05 -19.15
CA LEU A 387 -14.94 -12.08 -17.78
C LEU A 387 -15.50 -10.72 -17.36
N PHE A 388 -14.92 -9.63 -17.87
CA PHE A 388 -15.39 -8.31 -17.46
C PHE A 388 -16.69 -7.92 -18.19
N GLN A 389 -16.79 -8.31 -19.46
CA GLN A 389 -18.04 -8.16 -20.22
C GLN A 389 -19.19 -8.86 -19.53
N ASN A 390 -19.00 -10.14 -19.27
CA ASN A 390 -20.05 -10.98 -18.70
C ASN A 390 -20.38 -10.64 -17.25
N SER A 391 -19.48 -9.97 -16.55
CA SER A 391 -19.79 -9.63 -15.16
C SER A 391 -20.71 -8.41 -15.15
N GLN A 392 -20.65 -7.60 -16.21
CA GLN A 392 -21.54 -6.45 -16.33
C GLN A 392 -22.96 -6.89 -16.66
N SER A 393 -23.07 -7.77 -17.66
CA SER A 393 -24.39 -8.22 -18.12
C SER A 393 -24.96 -9.33 -17.22
N ALA A 394 -24.20 -9.75 -16.21
CA ALA A 394 -24.72 -10.70 -15.23
C ALA A 394 -24.69 -10.14 -13.82
N GLY A 395 -24.22 -8.90 -13.69
CA GLY A 395 -24.16 -8.22 -12.41
C GLY A 395 -23.35 -8.93 -11.34
N ASP A 396 -22.37 -9.72 -11.77
CA ASP A 396 -21.55 -10.52 -10.87
C ASP A 396 -20.30 -9.78 -10.41
N ALA A 397 -20.33 -9.24 -9.18
CA ALA A 397 -19.21 -8.52 -8.61
C ALA A 397 -17.96 -9.39 -8.53
N LYS A 398 -18.13 -10.64 -8.10
CA LYS A 398 -17.04 -11.58 -7.99
C LYS A 398 -16.38 -11.90 -9.33
N MET A 399 -17.17 -12.01 -10.39
CA MET A 399 -16.61 -12.30 -11.71
C MET A 399 -15.78 -11.10 -12.16
N ARG A 400 -16.25 -9.89 -11.85
CA ARG A 400 -15.51 -8.68 -12.19
C ARG A 400 -14.14 -8.63 -11.51
N ARG A 401 -14.08 -9.04 -10.24
CA ARG A 401 -12.82 -9.08 -9.52
C ARG A 401 -11.86 -10.11 -10.11
N GLN A 402 -12.38 -11.22 -10.60
CA GLN A 402 -11.50 -12.20 -11.24
C GLN A 402 -11.01 -11.65 -12.58
N ALA A 403 -11.84 -10.84 -13.23
CA ALA A 403 -11.43 -10.21 -14.48
C ALA A 403 -10.26 -9.26 -14.23
N GLN A 404 -10.32 -8.51 -13.12
CA GLN A 404 -9.18 -7.70 -12.71
C GLN A 404 -7.95 -8.57 -12.55
N ALA A 405 -8.12 -9.71 -11.89
CA ALA A 405 -7.02 -10.64 -11.67
C ALA A 405 -6.46 -11.13 -12.99
N GLU A 406 -7.34 -11.33 -13.96
CA GLU A 406 -6.90 -11.83 -15.26
C GLU A 406 -6.15 -10.74 -16.00
N TRP A 407 -6.58 -9.51 -15.83
CA TRP A 407 -5.90 -8.36 -16.43
C TRP A 407 -4.46 -8.21 -15.92
N ARG A 408 -4.30 -8.30 -14.59
CA ARG A 408 -2.98 -8.20 -13.98
C ARG A 408 -2.05 -9.30 -14.52
N PHE A 409 -2.57 -10.52 -14.53
CA PHE A 409 -1.90 -11.67 -15.13
C PHE A 409 -1.57 -11.48 -16.61
N ALA A 410 -2.56 -11.04 -17.39
CA ALA A 410 -2.35 -10.85 -18.82
C ALA A 410 -1.24 -9.83 -19.12
N THR A 411 -1.17 -8.77 -18.33
CA THR A 411 -0.28 -7.65 -18.64
C THR A 411 1.02 -7.70 -17.84
N ARG A 412 1.24 -8.80 -17.13
CA ARG A 412 2.43 -8.97 -16.29
C ARG A 412 3.67 -9.01 -17.17
N GLY A 413 4.64 -8.13 -16.89
CA GLY A 413 5.86 -8.14 -17.67
C GLY A 413 5.70 -7.46 -19.02
N PHE A 414 4.59 -6.78 -19.23
CA PHE A 414 4.42 -5.94 -20.41
C PHE A 414 5.45 -4.79 -20.40
N ASP A 415 6.11 -4.52 -21.52
CA ASP A 415 6.91 -3.30 -21.59
C ASP A 415 5.99 -2.08 -21.66
N GLU A 416 6.55 -0.88 -21.58
CA GLU A 416 5.73 0.33 -21.45
C GLU A 416 4.80 0.56 -22.64
N ASP A 417 5.25 0.22 -23.86
CA ASP A 417 4.35 0.36 -25.02
C ASP A 417 3.15 -0.57 -24.95
N LYS A 418 3.35 -1.83 -24.59
CA LYS A 418 2.23 -2.75 -24.42
C LYS A 418 1.31 -2.33 -23.28
N LEU A 419 1.90 -1.79 -22.20
CA LEU A 419 1.09 -1.30 -21.10
C LEU A 419 0.16 -0.18 -21.57
N LEU A 420 0.71 0.72 -22.38
CA LEU A 420 -0.08 1.87 -22.86
C LEU A 420 -1.12 1.45 -23.88
N THR A 421 -0.80 0.40 -24.63
CA THR A 421 -1.74 -0.15 -25.61
C THR A 421 -2.88 -0.85 -24.88
N ALA A 422 -2.53 -1.67 -23.89
CA ALA A 422 -3.55 -2.36 -23.10
C ALA A 422 -4.41 -1.38 -22.29
N ALA A 423 -3.83 -0.25 -21.89
CA ALA A 423 -4.59 0.73 -21.12
C ALA A 423 -5.73 1.30 -21.98
N GLN A 424 -5.43 1.64 -23.23
CA GLN A 424 -6.47 2.12 -24.14
C GLN A 424 -7.48 1.03 -24.45
N THR A 425 -6.99 -0.20 -24.53
CA THR A 425 -7.89 -1.33 -24.76
C THR A 425 -8.89 -1.42 -23.61
N ALA A 426 -8.41 -1.34 -22.37
CA ALA A 426 -9.29 -1.39 -21.21
C ALA A 426 -10.28 -0.23 -21.27
N PHE A 427 -9.77 0.94 -21.64
CA PHE A 427 -10.59 2.14 -21.60
C PHE A 427 -11.73 1.99 -22.59
N ASP A 428 -11.42 1.42 -23.76
CA ASP A 428 -12.40 1.29 -24.83
C ASP A 428 -13.54 0.32 -24.46
N HIS A 429 -13.25 -0.64 -23.60
CA HIS A 429 -14.25 -1.61 -23.14
C HIS A 429 -14.92 -1.17 -21.85
N GLY A 430 -14.67 0.07 -21.42
CA GLY A 430 -15.22 0.60 -20.18
C GLY A 430 -14.65 -0.02 -18.90
N PHE A 431 -13.52 -0.73 -19.03
CA PHE A 431 -12.81 -1.35 -17.91
C PHE A 431 -11.88 -0.29 -17.28
N TYR A 432 -12.49 0.75 -16.70
CA TYR A 432 -11.81 2.00 -16.35
C TYR A 432 -10.68 1.85 -15.34
N ASP A 433 -10.86 1.02 -14.33
CA ASP A 433 -9.83 0.87 -13.32
C ASP A 433 -8.57 0.19 -13.89
N MET A 434 -8.74 -0.75 -14.83
CA MET A 434 -7.58 -1.39 -15.45
C MET A 434 -6.90 -0.47 -16.47
N ALA A 435 -7.67 0.43 -17.07
CA ALA A 435 -7.08 1.49 -17.89
C ALA A 435 -6.08 2.31 -17.05
N VAL A 436 -6.56 2.78 -15.89
CA VAL A 436 -5.74 3.58 -14.99
C VAL A 436 -4.55 2.76 -14.48
N ASN A 437 -4.82 1.55 -14.02
CA ASN A 437 -3.78 0.76 -13.39
C ASN A 437 -2.68 0.34 -14.36
N SER A 438 -3.03 0.07 -15.62
CA SER A 438 -2.03 -0.25 -16.64
C SER A 438 -1.20 0.97 -17.00
N ALA A 439 -1.86 2.11 -17.22
CA ALA A 439 -1.19 3.33 -17.64
C ALA A 439 -0.20 3.84 -16.57
N GLU A 440 -0.51 3.61 -15.30
CA GLU A 440 0.29 4.19 -14.23
C GLU A 440 1.52 3.33 -13.90
N ARG A 441 1.58 2.16 -14.53
CA ARG A 441 2.69 1.24 -14.33
C ARG A 441 3.89 1.53 -15.22
N THR A 442 3.78 2.51 -16.12
CA THR A 442 4.96 2.87 -16.89
C THR A 442 5.86 3.80 -16.07
N ASP A 443 7.12 3.96 -16.49
CA ASP A 443 8.05 4.88 -15.80
C ASP A 443 8.50 6.06 -16.65
N ARG A 444 8.76 5.81 -17.94
CA ARG A 444 9.32 6.81 -18.85
C ARG A 444 8.27 7.34 -19.83
N LYS A 445 7.36 6.45 -20.25
CA LYS A 445 6.36 6.80 -21.24
C LYS A 445 5.05 7.18 -20.53
N LEU A 446 4.65 8.43 -20.69
CA LEU A 446 3.56 8.97 -19.89
C LEU A 446 2.33 9.38 -20.71
N ASN A 447 1.23 8.67 -20.48
CA ASN A 447 -0.06 9.13 -20.99
C ASN A 447 -0.95 9.60 -19.83
N TYR A 448 -1.04 10.92 -19.65
CA TYR A 448 -1.77 11.48 -18.52
C TYR A 448 -3.28 11.36 -18.67
N THR A 449 -3.76 11.27 -19.91
CA THR A 449 -5.19 11.16 -20.19
CA THR A 449 -5.20 11.17 -20.13
C THR A 449 -5.71 9.77 -19.79
N LEU A 450 -4.82 8.78 -19.76
CA LEU A 450 -5.17 7.42 -19.32
C LEU A 450 -4.86 7.19 -17.82
N ARG A 451 -3.78 7.79 -17.33
CA ARG A 451 -3.51 7.74 -15.88
C ARG A 451 -4.60 8.45 -15.08
N TYR A 452 -5.05 9.59 -15.61
CA TYR A 452 -6.07 10.41 -14.95
C TYR A 452 -7.29 10.56 -15.86
N ILE A 453 -7.98 9.45 -16.09
CA ILE A 453 -9.22 9.44 -16.85
C ILE A 453 -10.31 10.27 -16.18
N SER A 454 -11.25 10.76 -16.97
CA SER A 454 -12.36 11.53 -16.40
C SER A 454 -13.69 11.19 -17.07
N PRO A 455 -14.19 9.96 -16.85
CA PRO A 455 -15.54 9.66 -17.33
C PRO A 455 -16.61 10.38 -16.49
N PHE A 456 -17.85 10.39 -16.97
CA PHE A 456 -19.00 10.96 -16.22
C PHE A 456 -18.87 12.47 -16.03
N LYS A 457 -18.11 13.12 -16.90
CA LYS A 457 -17.64 14.47 -16.69
C LYS A 457 -18.74 15.50 -16.56
N ASP A 458 -19.81 15.36 -17.34
CA ASP A 458 -20.85 16.38 -17.26
C ASP A 458 -21.65 16.20 -15.98
N THR A 459 -21.72 14.97 -15.50
CA THR A 459 -22.39 14.70 -14.23
C THR A 459 -21.57 15.16 -13.02
N VAL A 460 -20.27 14.85 -13.02
CA VAL A 460 -19.41 15.22 -11.90
C VAL A 460 -19.23 16.72 -11.80
N ILE A 461 -18.98 17.36 -12.94
CA ILE A 461 -18.76 18.81 -12.94
C ILE A 461 -19.99 19.55 -12.39
N ARG A 462 -21.18 19.10 -12.82
CA ARG A 462 -22.44 19.72 -12.42
C ARG A 462 -22.66 19.61 -10.91
N HIS A 463 -22.64 18.39 -10.40
CA HIS A 463 -22.79 18.16 -8.96
C HIS A 463 -21.73 18.86 -8.13
N ALA A 464 -20.49 18.92 -8.63
CA ALA A 464 -19.43 19.62 -7.90
C ALA A 464 -19.68 21.14 -7.86
N GLN A 465 -20.13 21.69 -8.98
CA GLN A 465 -20.40 23.12 -9.03
C GLN A 465 -21.61 23.46 -8.17
N ASN A 466 -22.60 22.57 -8.13
CA ASN A 466 -23.80 22.78 -7.32
C ASN A 466 -23.54 22.92 -5.81
N VAL A 467 -22.52 22.23 -5.29
CA VAL A 467 -22.19 22.37 -3.87
C VAL A 467 -20.92 23.17 -3.66
N ASN A 468 -20.47 23.85 -4.72
CA ASN A 468 -19.36 24.79 -4.62
C ASN A 468 -18.00 24.13 -4.32
N VAL A 469 -17.71 22.96 -4.87
CA VAL A 469 -16.37 22.37 -4.66
C VAL A 469 -15.59 22.16 -5.96
N ASP A 470 -14.27 22.06 -5.84
CA ASP A 470 -13.38 21.89 -6.98
C ASP A 470 -13.60 20.54 -7.68
N PRO A 471 -13.92 20.58 -8.98
CA PRO A 471 -14.08 19.32 -9.74
C PRO A 471 -12.80 18.49 -9.75
N ALA A 472 -11.65 19.13 -9.79
CA ALA A 472 -10.37 18.44 -9.79
C ALA A 472 -10.22 17.61 -8.53
N TRP A 473 -10.60 18.22 -7.41
CA TRP A 473 -10.60 17.55 -6.11
C TRP A 473 -11.57 16.36 -6.11
N VAL A 474 -12.77 16.57 -6.65
CA VAL A 474 -13.76 15.49 -6.72
C VAL A 474 -13.25 14.32 -7.56
N TYR A 475 -12.72 14.61 -8.75
CA TYR A 475 -12.11 13.55 -9.55
C TYR A 475 -10.96 12.87 -8.82
N GLY A 476 -10.17 13.67 -8.11
CA GLY A 476 -9.04 13.16 -7.35
C GLY A 476 -9.48 12.13 -6.34
N LEU A 477 -10.60 12.41 -5.68
CA LEU A 477 -11.15 11.54 -4.65
C LEU A 477 -11.73 10.26 -5.27
N ILE A 478 -12.47 10.40 -6.36
CA ILE A 478 -13.05 9.24 -7.02
C ILE A 478 -11.99 8.26 -7.51
N ARG A 479 -10.94 8.79 -8.13
CA ARG A 479 -9.85 7.97 -8.64
C ARG A 479 -9.28 7.08 -7.52
N GLN A 480 -9.13 7.68 -6.33
CA GLN A 480 -8.61 6.93 -5.17
C GLN A 480 -9.66 6.02 -4.54
N GLU A 481 -10.89 6.52 -4.41
CA GLU A 481 -11.94 5.72 -3.75
C GLU A 481 -12.33 4.47 -4.53
N SER A 482 -12.63 4.63 -5.81
CA SER A 482 -13.18 3.52 -6.58
C SER A 482 -12.44 3.18 -7.86
N ARG A 483 -11.49 4.03 -8.26
CA ARG A 483 -10.81 3.87 -9.55
C ARG A 483 -11.85 3.84 -10.69
N PHE A 484 -12.89 4.65 -10.51
CA PHE A 484 -13.99 4.86 -11.46
C PHE A 484 -14.82 3.62 -11.80
N VAL A 485 -14.98 2.71 -10.83
CA VAL A 485 -15.88 1.57 -10.96
C VAL A 485 -17.26 1.86 -10.36
N ILE A 486 -18.29 2.01 -11.21
CA ILE A 486 -19.60 2.46 -10.74
C ILE A 486 -20.22 1.51 -9.72
N GLY A 487 -19.89 0.23 -9.78
CA GLY A 487 -20.47 -0.72 -8.84
C GLY A 487 -19.68 -0.92 -7.56
N ALA A 488 -18.56 -0.20 -7.43
CA ALA A 488 -17.54 -0.53 -6.43
C ALA A 488 -18.09 -0.64 -5.00
N GLN A 489 -17.63 -1.64 -4.26
CA GLN A 489 -18.15 -1.90 -2.92
C GLN A 489 -17.07 -2.31 -1.93
N SER A 490 -16.85 -1.46 -0.93
CA SER A 490 -15.85 -1.70 0.11
C SER A 490 -16.31 -2.79 1.07
N ARG A 491 -15.40 -3.26 1.90
CA ARG A 491 -15.77 -4.21 2.95
C ARG A 491 -16.60 -3.49 4.03
N VAL A 492 -16.19 -2.27 4.36
CA VAL A 492 -16.90 -1.45 5.36
C VAL A 492 -18.34 -1.15 4.92
N GLY A 493 -18.64 -1.42 3.65
CA GLY A 493 -19.98 -1.22 3.13
C GLY A 493 -20.12 0.03 2.27
N ALA A 494 -19.04 0.79 2.15
CA ALA A 494 -18.99 1.98 1.30
C ALA A 494 -19.45 1.67 -0.12
N GLN A 495 -20.24 2.55 -0.72
CA GLN A 495 -20.89 2.23 -1.98
C GLN A 495 -20.57 3.19 -3.13
N GLY A 496 -20.28 2.61 -4.29
CA GLY A 496 -20.23 3.35 -5.53
C GLY A 496 -18.94 4.10 -5.82
N LEU A 497 -18.99 4.93 -6.86
CA LEU A 497 -17.86 5.77 -7.27
C LEU A 497 -17.22 6.54 -6.12
N MET A 498 -18.04 7.10 -5.25
CA MET A 498 -17.50 7.96 -4.20
C MET A 498 -17.47 7.26 -2.84
N GLN A 499 -17.86 5.99 -2.83
CA GLN A 499 -17.72 5.14 -1.65
C GLN A 499 -18.40 5.76 -0.43
N VAL A 500 -19.68 6.08 -0.59
CA VAL A 500 -20.42 6.76 0.46
C VAL A 500 -21.00 5.78 1.48
N MET A 514 -34.57 14.61 -0.97
CA MET A 514 -34.68 13.61 -2.02
C MET A 514 -34.50 12.18 -1.49
N ASP A 515 -34.87 11.20 -2.31
CA ASP A 515 -34.86 9.79 -1.91
C ASP A 515 -33.45 9.24 -1.66
N ALA A 516 -33.35 8.30 -0.72
CA ALA A 516 -32.06 7.77 -0.27
C ALA A 516 -31.49 6.69 -1.20
N ALA A 517 -32.37 6.05 -1.98
CA ALA A 517 -31.99 4.93 -2.83
C ALA A 517 -31.07 5.36 -3.97
N GLN A 518 -31.01 6.66 -4.22
CA GLN A 518 -30.22 7.19 -5.32
C GLN A 518 -28.73 6.86 -5.14
N LEU A 519 -28.34 6.59 -3.90
CA LEU A 519 -26.97 6.21 -3.55
C LEU A 519 -26.34 5.18 -4.50
N TYR A 520 -27.18 4.36 -5.12
CA TYR A 520 -26.69 3.22 -5.88
C TYR A 520 -26.66 3.49 -7.39
N THR A 521 -27.21 4.63 -7.81
CA THR A 521 -27.02 5.06 -9.19
C THR A 521 -25.83 6.03 -9.24
N ALA A 522 -25.12 6.05 -10.36
CA ALA A 522 -23.96 6.92 -10.50
C ALA A 522 -24.32 8.40 -10.31
N ASP A 523 -25.53 8.79 -10.73
CA ASP A 523 -25.94 10.18 -10.52
C ASP A 523 -26.16 10.47 -9.05
N GLY A 524 -26.88 9.58 -8.37
CA GLY A 524 -27.18 9.76 -6.97
C GLY A 524 -25.95 9.60 -6.08
N ASN A 525 -25.05 8.71 -6.48
CA ASN A 525 -23.84 8.46 -5.71
C ASN A 525 -22.98 9.71 -5.72
N ILE A 526 -22.80 10.27 -6.91
CA ILE A 526 -22.01 11.48 -7.10
C ILE A 526 -22.64 12.69 -6.42
N ARG A 527 -23.96 12.80 -6.54
CA ARG A 527 -24.70 13.84 -5.84
C ARG A 527 -24.44 13.78 -4.33
N MET A 528 -24.57 12.59 -3.75
CA MET A 528 -24.35 12.43 -2.32
C MET A 528 -22.88 12.59 -1.90
N GLY A 529 -21.95 11.99 -2.66
CA GLY A 529 -20.54 12.12 -2.35
C GLY A 529 -20.05 13.57 -2.32
N THR A 530 -20.42 14.34 -3.34
CA THR A 530 -20.02 15.74 -3.41
C THR A 530 -20.66 16.58 -2.31
N TRP A 531 -21.93 16.29 -1.98
CA TRP A 531 -22.60 17.00 -0.89
C TRP A 531 -21.84 16.77 0.40
N TYR A 532 -21.46 15.52 0.64
CA TYR A 532 -20.77 15.14 1.87
C TYR A 532 -19.35 15.71 1.89
N MET A 533 -18.68 15.71 0.74
CA MET A 533 -17.41 16.43 0.64
C MET A 533 -17.59 17.88 1.12
N ALA A 534 -18.62 18.58 0.61
CA ALA A 534 -18.85 19.99 0.96
C ALA A 534 -19.24 20.19 2.43
N ASP A 535 -20.16 19.35 2.89
CA ASP A 535 -20.59 19.42 4.29
C ASP A 535 -19.42 19.15 5.24
N THR A 536 -18.63 18.13 4.94
CA THR A 536 -17.49 17.80 5.79
C THR A 536 -16.51 18.95 5.79
N LYS A 537 -16.28 19.53 4.62
CA LYS A 537 -15.40 20.67 4.52
C LYS A 537 -15.91 21.83 5.37
N ARG A 538 -17.20 22.13 5.26
CA ARG A 538 -17.79 23.19 6.09
C ARG A 538 -17.62 22.95 7.58
N ARG A 539 -17.64 21.68 8.00
CA ARG A 539 -17.51 21.34 9.42
C ARG A 539 -16.08 21.36 9.90
N LEU A 540 -15.14 21.46 8.97
CA LEU A 540 -13.73 21.37 9.33
C LEU A 540 -13.03 22.63 8.90
N GLN A 541 -13.56 23.77 9.35
CA GLN A 541 -12.99 25.09 9.11
C GLN A 541 -12.72 25.37 7.64
N ASN A 542 -13.53 24.75 6.78
CA ASN A 542 -13.44 24.95 5.34
C ASN A 542 -12.09 24.57 4.74
N ASN A 543 -11.36 23.67 5.40
CA ASN A 543 -10.04 23.28 4.93
C ASN A 543 -10.07 21.94 4.18
N GLU A 544 -9.49 21.92 2.99
CA GLU A 544 -9.63 20.78 2.07
C GLU A 544 -8.80 19.57 2.47
N VAL A 545 -7.70 19.84 3.16
CA VAL A 545 -6.90 18.74 3.69
C VAL A 545 -7.67 18.02 4.80
N LEU A 546 -8.20 18.78 5.74
CA LEU A 546 -9.02 18.22 6.82
C LEU A 546 -10.24 17.49 6.27
N ALA A 547 -10.88 18.11 5.27
CA ALA A 547 -12.08 17.55 4.66
C ALA A 547 -11.74 16.17 4.08
N THR A 548 -10.62 16.10 3.37
CA THR A 548 -10.19 14.85 2.76
C THR A 548 -9.96 13.76 3.80
N ALA A 549 -9.23 14.10 4.87
CA ALA A 549 -9.07 13.18 5.99
C ALA A 549 -10.42 12.81 6.61
N GLY A 550 -11.29 13.81 6.76
CA GLY A 550 -12.59 13.59 7.39
C GLY A 550 -13.51 12.71 6.58
N TYR A 551 -13.49 12.89 5.27
CA TYR A 551 -14.27 12.05 4.36
C TYR A 551 -13.94 10.57 4.61
N ASN A 552 -12.65 10.29 4.80
CA ASN A 552 -12.20 8.91 4.99
C ASN A 552 -12.32 8.40 6.44
N ALA A 553 -11.98 9.24 7.42
CA ALA A 553 -11.95 8.77 8.82
C ALA A 553 -13.04 9.35 9.71
N GLY A 554 -13.79 10.32 9.21
CA GLY A 554 -14.78 10.99 10.04
C GLY A 554 -14.21 12.31 10.52
N PRO A 555 -15.06 13.34 10.56
CA PRO A 555 -14.57 14.68 10.92
C PRO A 555 -14.11 14.76 12.38
N GLY A 556 -14.59 13.87 13.25
CA GLY A 556 -14.16 13.88 14.63
C GLY A 556 -12.69 13.55 14.75
N ARG A 557 -12.27 12.51 14.01
CA ARG A 557 -10.87 12.13 13.97
C ARG A 557 -10.00 13.21 13.32
N ALA A 558 -10.47 13.75 12.20
CA ALA A 558 -9.69 14.76 11.47
C ALA A 558 -9.37 15.95 12.36
N ARG A 559 -10.34 16.32 13.19
CA ARG A 559 -10.22 17.45 14.10
C ARG A 559 -9.30 17.10 15.26
N ARG A 560 -9.40 15.85 15.69
CA ARG A 560 -8.55 15.31 16.74
C ARG A 560 -7.06 15.29 16.35
N TRP A 561 -6.76 15.28 15.05
CA TRP A 561 -5.38 15.23 14.58
C TRP A 561 -4.77 16.61 14.38
N GLN A 562 -5.60 17.66 14.47
CA GLN A 562 -5.11 19.02 14.44
C GLN A 562 -4.22 19.32 15.65
N ALA A 563 -3.28 20.24 15.49
CA ALA A 563 -2.42 20.64 16.61
C ALA A 563 -3.00 21.89 17.25
N ASP A 564 -2.38 22.37 18.32
CA ASP A 564 -2.82 23.61 18.97
C ASP A 564 -2.15 24.82 18.31
N THR A 565 -1.37 24.56 17.26
CA THR A 565 -0.85 25.62 16.39
C THR A 565 -1.14 25.24 14.93
N PRO A 566 -1.05 26.20 14.00
CA PRO A 566 -1.28 25.80 12.61
C PRO A 566 -0.24 24.78 12.16
N LEU A 567 -0.63 23.90 11.24
CA LEU A 567 0.30 22.93 10.65
C LEU A 567 0.36 23.10 9.16
N GLU A 568 1.57 23.04 8.60
CA GLU A 568 1.72 22.94 7.15
C GLU A 568 0.93 21.72 6.68
N GLY A 569 0.18 21.85 5.60
CA GLY A 569 -0.66 20.76 5.12
C GLY A 569 0.05 19.42 4.97
N ALA A 570 1.19 19.40 4.27
CA ALA A 570 1.93 18.14 4.09
C ALA A 570 2.33 17.56 5.43
N VAL A 571 2.61 18.41 6.42
CA VAL A 571 2.98 17.93 7.75
C VAL A 571 1.80 17.28 8.48
N TYR A 572 0.65 17.95 8.50
CA TYR A 572 -0.57 17.30 8.98
C TYR A 572 -0.78 15.94 8.30
N ALA A 573 -0.71 15.91 6.97
CA ALA A 573 -0.97 14.68 6.22
C ALA A 573 0.02 13.56 6.58
N GLU A 574 1.32 13.87 6.60
CA GLU A 574 2.30 12.83 6.91
C GLU A 574 2.21 12.33 8.36
N THR A 575 1.61 13.11 9.25
CA THR A 575 1.53 12.67 10.63
C THR A 575 0.16 12.16 11.06
N ILE A 576 -0.71 11.88 10.09
CA ILE A 576 -2.00 11.26 10.39
C ILE A 576 -1.77 9.88 10.99
N PRO A 577 -2.34 9.61 12.18
CA PRO A 577 -2.06 8.37 12.91
C PRO A 577 -2.52 7.11 12.19
N PHE A 578 -3.61 7.17 11.41
CA PHE A 578 -4.13 5.98 10.72
C PHE A 578 -3.41 5.80 9.38
N SER A 579 -2.75 4.67 9.18
CA SER A 579 -1.96 4.51 7.96
C SER A 579 -2.82 4.56 6.69
N GLU A 580 -4.05 4.03 6.75
CA GLU A 580 -4.91 4.09 5.57
C GLU A 580 -5.33 5.53 5.23
N THR A 581 -5.68 6.31 6.25
CA THR A 581 -6.10 7.68 5.98
C THR A 581 -4.92 8.52 5.52
N ARG A 582 -3.76 8.30 6.13
CA ARG A 582 -2.56 9.03 5.79
C ARG A 582 -2.24 8.87 4.30
N ASP A 583 -2.27 7.63 3.83
CA ASP A 583 -1.99 7.33 2.43
C ASP A 583 -3.06 7.91 1.49
N TYR A 584 -4.32 7.79 1.90
CA TYR A 584 -5.48 8.32 1.17
C TYR A 584 -5.39 9.83 0.90
N VAL A 585 -5.05 10.61 1.92
CA VAL A 585 -4.99 12.05 1.79
C VAL A 585 -3.93 12.49 0.78
N LYS A 586 -2.75 11.87 0.86
CA LYS A 586 -1.67 12.21 -0.05
C LYS A 586 -2.03 11.86 -1.50
N LYS A 587 -2.70 10.74 -1.70
CA LYS A 587 -3.07 10.33 -3.06
C LYS A 587 -4.16 11.20 -3.64
N VAL A 588 -5.17 11.50 -2.82
CA VAL A 588 -6.25 12.34 -3.28
C VAL A 588 -5.75 13.73 -3.67
N MET A 589 -4.88 14.31 -2.86
CA MET A 589 -4.44 15.65 -3.15
C MET A 589 -3.46 15.66 -4.33
N ALA A 590 -2.60 14.65 -4.43
CA ALA A 590 -1.78 14.47 -5.63
C ALA A 590 -2.65 14.31 -6.89
N ASN A 591 -3.61 13.38 -6.84
CA ASN A 591 -4.55 13.23 -7.96
C ASN A 591 -5.15 14.57 -8.36
N ALA A 592 -5.62 15.33 -7.37
CA ALA A 592 -6.33 16.58 -7.63
C ALA A 592 -5.47 17.55 -8.44
N ALA A 593 -4.18 17.62 -8.13
CA ALA A 593 -3.27 18.54 -8.84
C ALA A 593 -3.12 18.12 -10.29
N TYR A 594 -3.15 16.81 -10.54
CA TYR A 594 -3.08 16.29 -11.90
C TYR A 594 -4.36 16.60 -12.66
N TYR A 595 -5.51 16.38 -12.03
CA TYR A 595 -6.77 16.72 -12.69
C TYR A 595 -6.90 18.21 -13.02
N ALA A 596 -6.45 19.07 -12.11
CA ALA A 596 -6.55 20.51 -12.33
C ALA A 596 -5.79 20.92 -13.60
N ALA A 597 -4.62 20.31 -13.78
CA ALA A 597 -3.78 20.58 -14.95
C ALA A 597 -4.45 20.12 -16.23
N LEU A 598 -5.02 18.91 -16.21
CA LEU A 598 -5.74 18.39 -17.37
C LEU A 598 -6.97 19.21 -17.70
N PHE A 599 -7.59 19.77 -16.65
CA PHE A 599 -8.84 20.52 -16.83
C PHE A 599 -8.55 21.96 -17.25
N GLY A 600 -7.27 22.33 -17.24
CA GLY A 600 -6.87 23.65 -17.66
C GLY A 600 -7.19 24.74 -16.66
N ALA A 601 -7.48 24.33 -15.42
CA ALA A 601 -7.75 25.27 -14.33
C ALA A 601 -6.55 26.20 -14.13
N PRO A 602 -6.78 27.40 -13.56
CA PRO A 602 -5.67 28.27 -13.16
C PRO A 602 -4.66 27.49 -12.31
N HIS A 603 -3.37 27.52 -12.67
CA HIS A 603 -2.39 26.68 -11.98
C HIS A 603 -2.33 26.97 -10.49
N ILE A 604 -2.40 25.89 -9.71
CA ILE A 604 -2.25 25.96 -8.26
C ILE A 604 -1.23 24.92 -7.85
N PRO A 605 -0.10 25.37 -7.28
CA PRO A 605 0.88 24.40 -6.82
C PRO A 605 0.27 23.45 -5.79
N LEU A 606 0.74 22.22 -5.79
CA LEU A 606 0.27 21.25 -4.80
C LEU A 606 0.59 21.74 -3.39
N LYS A 607 1.76 22.35 -3.20
CA LYS A 607 2.13 22.89 -1.90
C LYS A 607 1.11 23.94 -1.42
N GLN A 608 0.61 24.73 -2.36
CA GLN A 608 -0.46 25.70 -2.10
C GLN A 608 -1.82 25.03 -1.86
N ARG A 609 -2.09 23.95 -2.60
CA ARG A 609 -3.30 23.17 -2.40
C ARG A 609 -3.30 22.62 -0.97
N MET A 610 -2.14 22.16 -0.51
CA MET A 610 -2.03 21.62 0.84
C MET A 610 -2.16 22.76 1.89
N GLY A 611 -1.78 23.97 1.50
CA GLY A 611 -1.93 25.15 2.33
C GLY A 611 -1.52 24.99 3.78
N ILE A 612 -2.35 25.57 4.66
CA ILE A 612 -2.11 25.58 6.09
C ILE A 612 -3.31 25.02 6.84
N VAL A 613 -3.09 23.99 7.65
CA VAL A 613 -4.16 23.44 8.49
C VAL A 613 -4.23 24.27 9.78
N PRO A 614 -5.43 24.82 10.09
CA PRO A 614 -5.53 25.75 11.23
C PRO A 614 -5.38 25.05 12.57
N ALA A 615 -5.00 25.81 13.60
CA ALA A 615 -4.97 25.29 14.95
C ALA A 615 -6.39 24.94 15.38
N ARG A 616 -6.55 24.04 16.33
CA ARG A 616 -7.89 23.76 16.82
C ARG A 616 -8.12 24.48 18.16
#